data_1E2U
#
_entry.id   1E2U
#
_cell.length_a   63.630
_cell.length_b   64.680
_cell.length_c   152.290
_cell.angle_alpha   90.00
_cell.angle_beta   90.00
_cell.angle_gamma   90.00
#
_symmetry.space_group_name_H-M   'P 21 21 21'
#
loop_
_entity.id
_entity.type
_entity.pdbx_description
1 polymer 'HYDROXYLAMINE REDUCTASE'
2 non-polymer 'IRON/SULFUR CLUSTER'
3 non-polymer 'IRON/SULFUR/OXYGEN HYBRID CLUSTER'
4 water water
#
_entity_poly.entity_id   1
_entity_poly.type   'polypeptide(L)'
_entity_poly.pdbx_seq_one_letter_code
;MFCFQCQETAKNTGCTVKGMCGKPEETANLQDLLIFVLRGIAIYGEKLKELGQPDRSNDDFVLQGLFATITNANWDDARF
EAMISEGLARRDKLRNAFLAVYKAKNGKDFSEPLPEAATWTGDSTAFAEKAKSVGILATENEDVRSLRELLIIGLKGVAA
YAEHAAVLGFRKTEIDEFMLEALASTTKDLSVDEMVALVMKAGGMAVTTMALLDEANTTTYGNPEITQVNIGVGKNPGIL
ISGHDLKDMAELLKQTEGTGVDVYTHGEMLPANYYPAFKKYPHFVGNYGGSWWQQNPEFESFNGPILLTTNCLVPLKKEN
TYLDRLYTTGVVGYEGAKHIADRPAGGAKDFSALIAQAKKCPPPVEIETGSIVGGFAHHQVLALADKVVEAVKSGAIKRF
VVMAG(CSS)DGRQKSRSYYTEVAENLPKDTVILTAGCAKYRYNKLNLGDIGGIPRVLDAGQCNDSYSLAVIALKLKEVF
GLDDINDLPVSYDIAWYEQKAVAVLLALLFLGVKGIRLGPTLPAFLSPNVAKVLVENFNIKPIGTVQDDIAAMMAGK
;
_entity_poly.pdbx_strand_id   A
#
loop_
_chem_comp.id
_chem_comp.type
_chem_comp.name
_chem_comp.formula
FSO non-polymer 'IRON/SULFUR/OXYGEN HYBRID CLUSTER' 'Fe4 O3 S3'
SF4 non-polymer 'IRON/SULFUR CLUSTER' 'Fe4 S4'
#
# COMPACT_ATOMS: atom_id res chain seq x y z
N MET A 1 13.53 -5.47 19.98
CA MET A 1 12.98 -5.62 18.58
C MET A 1 13.79 -4.75 17.62
N PHE A 2 13.54 -4.92 16.32
CA PHE A 2 14.15 -4.01 15.35
C PHE A 2 13.24 -3.95 14.12
N CYS A 3 12.76 -2.74 13.85
CA CYS A 3 11.93 -2.54 12.66
C CYS A 3 12.21 -1.13 12.13
N PHE A 4 12.38 -0.96 10.83
CA PHE A 4 12.63 0.36 10.27
C PHE A 4 11.92 0.56 8.93
N GLN A 5 10.83 -0.19 8.70
CA GLN A 5 10.20 -0.16 7.38
C GLN A 5 9.29 1.02 7.05
N CYS A 6 8.91 1.84 8.02
CA CYS A 6 8.06 2.99 7.67
C CYS A 6 8.75 4.30 7.96
N GLN A 7 8.18 5.37 7.43
CA GLN A 7 8.76 6.72 7.52
C GLN A 7 8.87 7.21 8.95
N GLU A 8 8.02 6.75 9.86
CA GLU A 8 8.03 7.21 11.24
C GLU A 8 8.95 6.43 12.16
N THR A 9 9.84 5.58 11.61
CA THR A 9 10.74 4.80 12.47
C THR A 9 11.50 5.71 13.43
N ALA A 10 11.73 5.20 14.64
CA ALA A 10 12.38 6.00 15.69
C ALA A 10 13.69 6.63 15.27
N LYS A 11 13.82 7.92 15.48
CA LYS A 11 15.01 8.71 15.16
C LYS A 11 15.46 8.60 13.72
N ASN A 12 14.63 8.13 12.81
CA ASN A 12 14.92 7.79 11.44
C ASN A 12 16.05 6.77 11.34
N THR A 13 16.18 5.88 12.32
CA THR A 13 17.16 4.81 12.30
C THR A 13 16.51 3.45 12.57
N GLY A 14 15.51 3.39 13.46
CA GLY A 14 14.87 2.10 13.72
C GLY A 14 14.21 2.04 15.09
N CYS A 15 13.08 1.37 15.15
CA CYS A 15 12.35 1.17 16.40
C CYS A 15 12.91 -0.07 17.09
N THR A 16 13.37 0.08 18.33
CA THR A 16 14.02 -1.01 19.04
C THR A 16 13.38 -1.48 20.34
N VAL A 17 12.39 -0.76 20.86
CA VAL A 17 11.74 -1.20 22.10
C VAL A 17 10.24 -1.38 21.86
N LYS A 18 9.63 -0.33 21.31
CA LYS A 18 8.21 -0.38 20.96
C LYS A 18 8.08 0.48 19.70
N GLY A 19 7.35 0.03 18.68
CA GLY A 19 7.27 0.86 17.48
C GLY A 19 6.62 2.21 17.74
N MET A 20 6.97 3.18 16.91
CA MET A 20 6.34 4.50 16.97
C MET A 20 4.89 4.38 16.53
N CYS A 21 4.57 3.34 15.77
CA CYS A 21 3.20 3.05 15.34
C CYS A 21 2.41 2.38 16.46
N GLY A 22 3.08 1.92 17.50
CA GLY A 22 2.50 1.19 18.60
C GLY A 22 2.85 -0.29 18.68
N LYS A 23 3.52 -0.81 17.66
CA LYS A 23 3.81 -2.25 17.57
C LYS A 23 4.73 -2.71 18.68
N PRO A 24 4.23 -3.58 19.56
CA PRO A 24 5.02 -4.05 20.68
C PRO A 24 6.06 -5.06 20.23
N GLU A 25 7.08 -5.22 21.08
CA GLU A 25 8.16 -6.17 20.86
C GLU A 25 7.68 -7.54 20.43
N GLU A 26 6.73 -8.13 21.14
CA GLU A 26 6.27 -9.46 20.82
C GLU A 26 5.67 -9.54 19.41
N THR A 27 4.93 -8.53 19.00
CA THR A 27 4.30 -8.51 17.69
C THR A 27 5.35 -8.31 16.60
N ALA A 28 6.26 -7.37 16.86
CA ALA A 28 7.32 -7.11 15.86
C ALA A 28 8.13 -8.38 15.63
N ASN A 29 8.50 -9.06 16.72
CA ASN A 29 9.29 -10.28 16.58
C ASN A 29 8.51 -11.38 15.88
N LEU A 30 7.22 -11.57 16.16
CA LEU A 30 6.43 -12.57 15.46
C LEU A 30 6.37 -12.27 13.96
N GLN A 31 6.29 -11.00 13.58
CA GLN A 31 6.32 -10.66 12.15
C GLN A 31 7.66 -11.07 11.54
N ASP A 32 8.77 -10.86 12.27
CA ASP A 32 10.06 -11.33 11.75
C ASP A 32 10.07 -12.84 11.58
N LEU A 33 9.50 -13.57 12.53
CA LEU A 33 9.48 -15.04 12.44
C LEU A 33 8.61 -15.50 11.28
N LEU A 34 7.52 -14.81 10.98
CA LEU A 34 6.71 -15.18 9.81
C LEU A 34 7.51 -14.94 8.54
N ILE A 35 8.24 -13.83 8.44
CA ILE A 35 9.03 -13.57 7.23
C ILE A 35 10.12 -14.63 7.08
N PHE A 36 10.69 -15.09 8.18
CA PHE A 36 11.66 -16.19 8.17
C PHE A 36 11.03 -17.46 7.62
N VAL A 37 9.82 -17.81 8.05
CA VAL A 37 9.15 -18.99 7.53
C VAL A 37 8.81 -18.81 6.06
N LEU A 38 8.46 -17.59 5.62
CA LEU A 38 8.17 -17.33 4.23
C LEU A 38 9.42 -17.53 3.37
N ARG A 39 10.59 -17.17 3.92
CA ARG A 39 11.84 -17.43 3.20
C ARG A 39 12.05 -18.93 3.03
N GLY A 40 11.70 -19.72 4.03
CA GLY A 40 11.85 -21.17 3.94
C GLY A 40 10.95 -21.73 2.85
N ILE A 41 9.68 -21.28 2.79
CA ILE A 41 8.78 -21.69 1.71
C ILE A 41 9.40 -21.32 0.36
N ALA A 42 9.93 -20.10 0.26
CA ALA A 42 10.52 -19.60 -0.97
C ALA A 42 11.73 -20.42 -1.41
N ILE A 43 12.60 -20.86 -0.50
CA ILE A 43 13.74 -21.69 -0.90
C ILE A 43 13.25 -22.91 -1.66
N TYR A 44 12.34 -23.68 -1.09
CA TYR A 44 11.87 -24.90 -1.76
C TYR A 44 11.01 -24.61 -2.98
N GLY A 45 10.19 -23.56 -2.90
CA GLY A 45 9.32 -23.22 -4.03
C GLY A 45 10.14 -22.83 -5.25
N GLU A 46 11.21 -22.07 -5.03
CA GLU A 46 12.12 -21.68 -6.10
C GLU A 46 12.81 -22.92 -6.67
N LYS A 47 13.30 -23.81 -5.82
CA LYS A 47 13.94 -25.04 -6.30
C LYS A 47 12.98 -25.91 -7.10
N LEU A 48 11.72 -26.04 -6.67
CA LEU A 48 10.76 -26.85 -7.43
C LEU A 48 10.54 -26.24 -8.81
N LYS A 49 10.43 -24.92 -8.93
CA LYS A 49 10.28 -24.28 -10.23
C LYS A 49 11.49 -24.56 -11.12
N GLU A 50 12.69 -24.47 -10.55
CA GLU A 50 13.92 -24.73 -11.29
C GLU A 50 14.02 -26.17 -11.75
N LEU A 51 13.46 -27.13 -11.02
CA LEU A 51 13.46 -28.53 -11.41
C LEU A 51 12.35 -28.86 -12.41
N GLY A 52 11.56 -27.89 -12.84
CA GLY A 52 10.49 -28.09 -13.79
C GLY A 52 9.20 -28.61 -13.20
N GLN A 53 9.00 -28.50 -11.89
CA GLN A 53 7.78 -28.95 -11.22
C GLN A 53 7.30 -27.89 -10.24
N PRO A 54 6.97 -26.71 -10.73
CA PRO A 54 6.54 -25.61 -9.88
C PRO A 54 5.28 -25.95 -9.12
N ASP A 55 5.21 -25.39 -7.91
CA ASP A 55 4.06 -25.59 -7.04
C ASP A 55 3.59 -24.19 -6.66
N ARG A 56 2.38 -23.86 -7.07
CA ARG A 56 1.82 -22.52 -6.82
C ARG A 56 0.76 -22.57 -5.72
N SER A 57 0.70 -23.66 -4.95
CA SER A 57 -0.34 -23.82 -3.94
C SER A 57 -0.21 -22.88 -2.76
N ASN A 58 0.92 -22.20 -2.61
CA ASN A 58 1.08 -21.25 -1.51
C ASN A 58 1.01 -19.81 -1.99
N ASP A 59 0.57 -19.56 -3.23
CA ASP A 59 0.56 -18.18 -3.72
C ASP A 59 -0.18 -17.21 -2.80
N ASP A 60 -1.43 -17.53 -2.48
CA ASP A 60 -2.22 -16.58 -1.66
C ASP A 60 -1.71 -16.51 -0.25
N PHE A 61 -1.23 -17.61 0.33
CA PHE A 61 -0.64 -17.61 1.66
C PHE A 61 0.54 -16.66 1.76
N VAL A 62 1.41 -16.67 0.74
CA VAL A 62 2.58 -15.78 0.71
C VAL A 62 2.17 -14.32 0.57
N LEU A 63 1.23 -14.00 -0.31
CA LEU A 63 0.81 -12.60 -0.43
C LEU A 63 0.21 -12.12 0.91
N GLN A 64 -0.67 -12.94 1.49
CA GLN A 64 -1.33 -12.56 2.75
C GLN A 64 -0.36 -12.44 3.90
N GLY A 65 0.63 -13.33 3.96
CA GLY A 65 1.63 -13.29 5.02
C GLY A 65 2.44 -12.00 4.96
N LEU A 66 2.90 -11.64 3.76
CA LEU A 66 3.65 -10.43 3.59
C LEU A 66 2.80 -9.20 3.94
N PHE A 67 1.57 -9.16 3.43
CA PHE A 67 0.66 -8.06 3.67
C PHE A 67 0.39 -7.86 5.16
N ALA A 68 0.26 -8.96 5.91
CA ALA A 68 -0.01 -8.88 7.35
C ALA A 68 1.13 -8.20 8.12
N THR A 69 2.34 -8.13 7.55
CA THR A 69 3.47 -7.50 8.20
C THR A 69 3.65 -6.05 7.78
N ILE A 70 2.76 -5.51 6.96
CA ILE A 70 2.79 -4.11 6.57
C ILE A 70 2.41 -3.21 7.74
N THR A 71 2.98 -2.01 7.77
CA THR A 71 2.67 -1.07 8.84
C THR A 71 1.17 -0.87 9.03
N ASN A 72 0.73 -0.99 10.28
CA ASN A 72 -0.65 -0.80 10.70
C ASN A 72 -1.61 -1.81 10.10
N ALA A 73 -1.15 -2.99 9.68
CA ALA A 73 -2.07 -3.96 9.11
C ALA A 73 -2.62 -4.95 10.11
N ASN A 74 -1.77 -5.61 10.90
CA ASN A 74 -2.29 -6.66 11.79
C ASN A 74 -1.53 -6.63 13.09
N TRP A 75 -2.30 -6.56 14.18
CA TRP A 75 -1.82 -6.40 15.53
C TRP A 75 -2.10 -7.59 16.43
N ASP A 76 -2.70 -8.63 15.88
CA ASP A 76 -3.13 -9.78 16.68
C ASP A 76 -2.06 -10.87 16.69
N ASP A 77 -1.37 -11.01 17.82
CA ASP A 77 -0.30 -12.03 17.89
C ASP A 77 -0.81 -13.43 17.59
N ALA A 78 -2.06 -13.74 17.93
CA ALA A 78 -2.61 -15.08 17.67
C ALA A 78 -2.65 -15.37 16.18
N ARG A 79 -2.98 -14.35 15.38
CA ARG A 79 -3.00 -14.44 13.93
C ARG A 79 -1.60 -14.76 13.40
N PHE A 80 -0.58 -14.08 13.93
CA PHE A 80 0.79 -14.38 13.49
C PHE A 80 1.21 -15.77 13.91
N GLU A 81 0.89 -16.20 15.13
CA GLU A 81 1.21 -17.57 15.54
C GLU A 81 0.55 -18.58 14.60
N ALA A 82 -0.73 -18.36 14.26
CA ALA A 82 -1.41 -19.28 13.35
C ALA A 82 -0.77 -19.30 11.97
N MET A 83 -0.35 -18.13 11.47
CA MET A 83 0.30 -18.06 10.16
C MET A 83 1.67 -18.74 10.19
N ILE A 84 2.40 -18.59 11.30
CA ILE A 84 3.72 -19.24 11.40
C ILE A 84 3.51 -20.76 11.43
N SER A 85 2.58 -21.26 12.25
CA SER A 85 2.34 -22.70 12.28
C SER A 85 1.95 -23.25 10.91
N GLU A 86 1.04 -22.53 10.23
CA GLU A 86 0.56 -22.96 8.92
C GLU A 86 1.70 -22.90 7.90
N GLY A 87 2.50 -21.83 8.01
CA GLY A 87 3.63 -21.67 7.10
C GLY A 87 4.62 -22.82 7.23
N LEU A 88 4.90 -23.25 8.46
CA LEU A 88 5.80 -24.37 8.68
C LEU A 88 5.27 -25.63 8.02
N ALA A 89 3.96 -25.91 8.17
CA ALA A 89 3.39 -27.09 7.53
C ALA A 89 3.46 -26.96 6.01
N ARG A 90 3.18 -25.78 5.46
CA ARG A 90 3.26 -25.57 4.02
C ARG A 90 4.70 -25.75 3.54
N ARG A 91 5.67 -25.22 4.30
CA ARG A 91 7.07 -25.37 3.93
C ARG A 91 7.48 -26.84 3.92
N ASP A 92 7.09 -27.58 4.95
CA ASP A 92 7.49 -28.99 5.01
C ASP A 92 6.89 -29.78 3.86
N LYS A 93 5.68 -29.46 3.40
CA LYS A 93 5.10 -30.13 2.24
C LYS A 93 5.96 -29.88 1.01
N LEU A 94 6.40 -28.63 0.82
CA LEU A 94 7.27 -28.31 -0.30
C LEU A 94 8.62 -29.03 -0.17
N ARG A 95 9.17 -29.08 1.04
CA ARG A 95 10.43 -29.79 1.26
C ARG A 95 10.32 -31.25 0.85
N ASN A 96 9.27 -31.93 1.32
CA ASN A 96 9.11 -33.35 0.98
C ASN A 96 8.96 -33.55 -0.52
N ALA A 97 8.22 -32.68 -1.20
CA ALA A 97 8.07 -32.76 -2.65
C ALA A 97 9.41 -32.56 -3.32
N PHE A 98 10.16 -31.55 -2.89
CA PHE A 98 11.48 -31.24 -3.43
C PHE A 98 12.44 -32.40 -3.26
N LEU A 99 12.48 -32.98 -2.06
CA LEU A 99 13.44 -34.08 -1.83
C LEU A 99 13.21 -35.24 -2.79
N ALA A 100 11.96 -35.59 -3.06
CA ALA A 100 11.70 -36.69 -4.00
C ALA A 100 12.05 -36.32 -5.43
N VAL A 101 11.73 -35.10 -5.89
CA VAL A 101 12.05 -34.69 -7.25
C VAL A 101 13.56 -34.58 -7.41
N TYR A 102 14.25 -34.02 -6.42
CA TYR A 102 15.70 -33.90 -6.49
C TYR A 102 16.33 -35.28 -6.63
N LYS A 103 15.87 -36.23 -5.80
CA LYS A 103 16.43 -37.58 -5.87
C LYS A 103 16.17 -38.22 -7.21
N ALA A 104 14.98 -38.02 -7.79
CA ALA A 104 14.69 -38.62 -9.09
C ALA A 104 15.55 -38.02 -10.20
N LYS A 105 15.81 -36.71 -10.14
CA LYS A 105 16.59 -36.08 -11.20
C LYS A 105 18.09 -36.21 -11.01
N ASN A 106 18.55 -36.46 -9.78
CA ASN A 106 20.00 -36.51 -9.54
C ASN A 106 20.51 -37.90 -9.22
N GLY A 107 19.64 -38.86 -8.92
CA GLY A 107 20.14 -40.20 -8.56
C GLY A 107 20.80 -40.29 -7.20
N LYS A 108 20.50 -39.34 -6.29
CA LYS A 108 21.06 -39.33 -4.95
C LYS A 108 20.22 -38.42 -4.06
N ASP A 109 20.36 -38.61 -2.76
CA ASP A 109 19.62 -37.74 -1.82
C ASP A 109 20.18 -36.31 -1.89
N PHE A 110 19.28 -35.35 -1.67
CA PHE A 110 19.74 -33.95 -1.55
C PHE A 110 20.62 -33.87 -0.29
N SER A 111 21.76 -33.18 -0.39
CA SER A 111 22.66 -33.08 0.76
C SER A 111 23.30 -31.72 0.92
N GLU A 112 22.94 -30.74 0.09
CA GLU A 112 23.57 -29.42 0.26
C GLU A 112 23.03 -28.70 1.49
N PRO A 113 23.88 -27.99 2.21
CA PRO A 113 23.48 -27.24 3.38
C PRO A 113 22.47 -26.17 3.01
N LEU A 114 21.44 -26.00 3.85
CA LEU A 114 20.43 -24.97 3.57
C LEU A 114 20.35 -23.99 4.73
N PRO A 115 19.95 -22.76 4.41
CA PRO A 115 19.74 -21.75 5.45
C PRO A 115 18.73 -22.30 6.45
N GLU A 116 18.83 -21.82 7.69
CA GLU A 116 17.96 -22.26 8.77
C GLU A 116 16.49 -22.04 8.52
N ALA A 117 16.13 -21.01 7.72
CA ALA A 117 14.73 -20.75 7.39
C ALA A 117 14.10 -21.97 6.73
N ALA A 118 14.88 -22.79 6.01
CA ALA A 118 14.34 -23.96 5.35
C ALA A 118 14.15 -25.14 6.28
N THR A 119 14.78 -25.16 7.47
CA THR A 119 14.72 -26.35 8.31
C THR A 119 14.26 -26.18 9.73
N TRP A 120 14.35 -24.98 10.30
CA TRP A 120 13.95 -24.80 11.69
C TRP A 120 12.47 -25.13 11.87
N THR A 121 12.15 -25.73 13.02
CA THR A 121 10.75 -25.98 13.35
C THR A 121 10.57 -25.98 14.86
N GLY A 122 9.33 -25.74 15.27
CA GLY A 122 9.00 -25.75 16.70
C GLY A 122 7.49 -25.55 16.85
N ASP A 123 6.97 -25.82 18.05
CA ASP A 123 5.54 -25.56 18.27
C ASP A 123 5.42 -24.09 18.65
N SER A 124 4.22 -23.61 18.96
CA SER A 124 4.04 -22.19 19.25
C SER A 124 4.80 -21.72 20.48
N THR A 125 5.12 -22.58 21.43
CA THR A 125 5.85 -22.20 22.62
C THR A 125 7.27 -21.73 22.30
N ALA A 126 7.84 -22.21 21.20
CA ALA A 126 9.19 -21.86 20.79
C ALA A 126 9.26 -20.59 19.98
N PHE A 127 8.12 -20.06 19.52
CA PHE A 127 8.15 -18.92 18.62
C PHE A 127 8.74 -17.66 19.19
N ALA A 128 8.33 -17.23 20.38
CA ALA A 128 8.83 -15.96 20.90
C ALA A 128 10.34 -15.92 21.03
N GLU A 129 10.96 -16.99 21.52
CA GLU A 129 12.41 -16.98 21.66
C GLU A 129 13.14 -17.07 20.33
N LYS A 130 12.67 -17.91 19.42
CA LYS A 130 13.34 -18.04 18.11
C LYS A 130 13.24 -16.74 17.34
N ALA A 131 12.08 -16.07 17.44
CA ALA A 131 11.86 -14.82 16.73
C ALA A 131 12.93 -13.77 17.01
N LYS A 132 13.46 -13.70 18.22
CA LYS A 132 14.46 -12.71 18.56
C LYS A 132 15.75 -12.77 17.75
N SER A 133 16.12 -13.92 17.22
CA SER A 133 17.38 -14.06 16.49
C SER A 133 17.25 -14.13 14.98
N VAL A 134 16.03 -14.09 14.44
CA VAL A 134 15.87 -14.18 12.99
C VAL A 134 15.38 -12.86 12.37
N GLY A 135 15.58 -11.77 13.09
CA GLY A 135 15.15 -10.46 12.60
C GLY A 135 16.19 -9.79 11.71
N ILE A 136 15.95 -8.52 11.42
CA ILE A 136 16.73 -7.73 10.50
C ILE A 136 18.21 -7.62 10.86
N LEU A 137 18.53 -7.53 12.13
CA LEU A 137 19.92 -7.38 12.56
C LEU A 137 20.74 -8.64 12.45
N ALA A 138 20.14 -9.75 12.01
CA ALA A 138 20.89 -10.98 11.75
C ALA A 138 21.82 -10.75 10.55
N THR A 139 21.50 -9.81 9.66
CA THR A 139 22.37 -9.48 8.54
C THR A 139 23.36 -8.44 9.07
N GLU A 140 24.63 -8.84 9.25
CA GLU A 140 25.60 -7.90 9.81
C GLU A 140 26.13 -6.83 8.89
N ASN A 141 26.26 -7.12 7.60
CA ASN A 141 26.79 -6.15 6.64
C ASN A 141 25.71 -5.12 6.35
N GLU A 142 25.97 -3.86 6.66
CA GLU A 142 24.96 -2.81 6.53
C GLU A 142 24.45 -2.61 5.12
N ASP A 143 25.28 -2.83 4.09
CA ASP A 143 24.82 -2.64 2.72
C ASP A 143 23.97 -3.81 2.27
N VAL A 144 24.34 -5.03 2.67
CA VAL A 144 23.55 -6.22 2.37
C VAL A 144 22.22 -6.10 3.10
N ARG A 145 22.25 -5.65 4.35
CA ARG A 145 21.01 -5.44 5.12
C ARG A 145 20.10 -4.44 4.41
N SER A 146 20.68 -3.34 3.94
CA SER A 146 19.91 -2.31 3.25
C SER A 146 19.27 -2.83 1.98
N LEU A 147 20.05 -3.56 1.16
CA LEU A 147 19.49 -4.06 -0.11
C LEU A 147 18.50 -5.19 0.07
N ARG A 148 18.72 -6.04 1.07
CA ARG A 148 17.76 -7.11 1.33
C ARG A 148 16.45 -6.54 1.87
N GLU A 149 16.54 -5.63 2.84
CA GLU A 149 15.31 -5.08 3.42
C GLU A 149 14.61 -4.15 2.44
N LEU A 150 15.37 -3.42 1.62
CA LEU A 150 14.70 -2.61 0.59
C LEU A 150 13.89 -3.52 -0.31
N LEU A 151 14.47 -4.67 -0.69
CA LEU A 151 13.75 -5.61 -1.55
C LEU A 151 12.49 -6.14 -0.89
N ILE A 152 12.60 -6.55 0.37
CA ILE A 152 11.43 -7.09 1.09
C ILE A 152 10.36 -6.04 1.30
N ILE A 153 10.77 -4.82 1.60
CA ILE A 153 9.83 -3.71 1.79
C ILE A 153 9.09 -3.43 0.49
N GLY A 154 9.83 -3.28 -0.61
CA GLY A 154 9.14 -3.09 -1.91
C GLY A 154 8.27 -4.30 -2.22
N LEU A 155 8.75 -5.52 -1.95
CA LEU A 155 8.01 -6.74 -2.23
C LEU A 155 6.71 -6.82 -1.46
N LYS A 156 6.69 -6.39 -0.20
CA LYS A 156 5.43 -6.48 0.55
C LYS A 156 4.44 -5.45 0.01
N GLY A 157 4.91 -4.31 -0.49
CA GLY A 157 4.00 -3.35 -1.11
C GLY A 157 3.40 -3.98 -2.38
N VAL A 158 4.23 -4.65 -3.18
CA VAL A 158 3.73 -5.34 -4.38
C VAL A 158 2.73 -6.42 -3.98
N ALA A 159 3.02 -7.17 -2.90
CA ALA A 159 2.15 -8.24 -2.42
C ALA A 159 0.76 -7.70 -2.04
N ALA A 160 0.70 -6.54 -1.41
CA ALA A 160 -0.61 -5.98 -1.07
C ALA A 160 -1.46 -5.70 -2.31
N TYR A 161 -0.88 -5.05 -3.31
CA TYR A 161 -1.60 -4.78 -4.55
C TYR A 161 -1.97 -6.08 -5.26
N ALA A 162 -1.08 -7.08 -5.24
CA ALA A 162 -1.39 -8.36 -5.88
C ALA A 162 -2.49 -9.10 -5.14
N GLU A 163 -2.59 -8.90 -3.82
CA GLU A 163 -3.67 -9.54 -3.07
C GLU A 163 -5.01 -8.92 -3.46
N HIS A 164 -5.07 -7.60 -3.63
CA HIS A 164 -6.36 -7.02 -4.07
C HIS A 164 -6.72 -7.50 -5.46
N ALA A 165 -5.72 -7.64 -6.34
CA ALA A 165 -6.00 -8.16 -7.68
C ALA A 165 -6.52 -9.59 -7.60
N ALA A 166 -5.89 -10.42 -6.76
CA ALA A 166 -6.28 -11.81 -6.59
C ALA A 166 -7.69 -11.95 -6.06
N VAL A 167 -8.06 -11.07 -5.14
CA VAL A 167 -9.43 -11.05 -4.60
C VAL A 167 -10.44 -10.89 -5.73
N LEU A 168 -10.12 -10.09 -6.73
CA LEU A 168 -10.98 -9.83 -7.87
C LEU A 168 -10.79 -10.82 -9.01
N GLY A 169 -9.96 -11.85 -8.80
CA GLY A 169 -9.78 -12.89 -9.80
C GLY A 169 -8.69 -12.64 -10.83
N PHE A 170 -7.78 -11.71 -10.53
CA PHE A 170 -6.71 -11.35 -11.46
C PHE A 170 -5.36 -11.75 -10.89
N ARG A 171 -4.64 -12.59 -11.63
CA ARG A 171 -3.33 -13.04 -11.16
C ARG A 171 -2.41 -13.25 -12.35
N LYS A 172 -1.12 -13.10 -12.11
CA LYS A 172 -0.10 -13.36 -13.12
C LYS A 172 0.97 -14.23 -12.48
N THR A 173 1.33 -15.35 -13.11
CA THR A 173 2.33 -16.25 -12.55
C THR A 173 3.67 -15.58 -12.27
N GLU A 174 4.10 -14.60 -13.03
CA GLU A 174 5.36 -13.91 -12.82
C GLU A 174 5.39 -13.21 -11.47
N ILE A 175 4.25 -12.70 -11.01
CA ILE A 175 4.21 -12.01 -9.71
C ILE A 175 4.48 -12.97 -8.57
N ASP A 176 3.76 -14.08 -8.53
CA ASP A 176 3.89 -15.09 -7.48
C ASP A 176 5.25 -15.77 -7.53
N GLU A 177 5.76 -15.96 -8.75
CA GLU A 177 7.11 -16.53 -8.86
C GLU A 177 8.12 -15.56 -8.27
N PHE A 178 7.97 -14.27 -8.58
CA PHE A 178 8.91 -13.27 -8.06
C PHE A 178 8.88 -13.20 -6.55
N MET A 179 7.70 -13.40 -5.94
CA MET A 179 7.64 -13.39 -4.47
C MET A 179 8.64 -14.38 -3.90
N LEU A 180 8.70 -15.60 -4.47
CA LEU A 180 9.63 -16.60 -3.94
C LEU A 180 11.07 -16.31 -4.36
N GLU A 181 11.28 -15.80 -5.58
CA GLU A 181 12.63 -15.45 -6.00
C GLU A 181 13.22 -14.41 -5.06
N ALA A 182 12.44 -13.36 -4.80
CA ALA A 182 12.91 -12.27 -3.95
C ALA A 182 13.12 -12.73 -2.51
N LEU A 183 12.18 -13.46 -1.93
CA LEU A 183 12.36 -13.94 -0.56
C LEU A 183 13.56 -14.86 -0.44
N ALA A 184 13.68 -15.83 -1.35
CA ALA A 184 14.82 -16.74 -1.28
C ALA A 184 16.14 -16.02 -1.48
N SER A 185 16.17 -14.96 -2.29
CA SER A 185 17.42 -14.23 -2.52
C SER A 185 18.02 -13.69 -1.24
N THR A 186 17.20 -13.35 -0.24
CA THR A 186 17.65 -12.78 1.01
C THR A 186 18.29 -13.79 1.94
N THR A 187 18.34 -15.06 1.53
CA THR A 187 19.02 -16.11 2.26
C THR A 187 20.34 -16.45 1.56
N LYS A 188 20.60 -15.77 0.44
CA LYS A 188 21.79 -16.04 -0.36
C LYS A 188 22.81 -14.92 -0.25
N ASP A 189 24.09 -15.25 -0.49
CA ASP A 189 25.13 -14.23 -0.48
C ASP A 189 25.41 -13.83 -1.92
N LEU A 190 24.85 -12.70 -2.29
CA LEU A 190 24.89 -12.21 -3.66
C LEU A 190 25.72 -10.94 -3.77
N SER A 191 26.20 -10.68 -5.00
CA SER A 191 26.96 -9.46 -5.24
C SER A 191 26.07 -8.24 -5.17
N VAL A 192 26.66 -7.07 -5.04
CA VAL A 192 25.91 -5.81 -5.01
C VAL A 192 25.11 -5.67 -6.30
N ASP A 193 25.74 -5.94 -7.44
CA ASP A 193 25.02 -5.85 -8.72
C ASP A 193 23.79 -6.75 -8.72
N GLU A 194 23.92 -7.99 -8.29
CA GLU A 194 22.78 -8.92 -8.22
C GLU A 194 21.70 -8.39 -7.27
N MET A 195 22.08 -7.88 -6.10
CA MET A 195 21.09 -7.36 -5.16
C MET A 195 20.35 -6.15 -5.71
N VAL A 196 21.06 -5.24 -6.37
CA VAL A 196 20.42 -4.05 -6.96
C VAL A 196 19.52 -4.47 -8.12
N ALA A 197 19.94 -5.46 -8.90
CA ALA A 197 19.13 -5.96 -10.01
C ALA A 197 17.80 -6.53 -9.50
N LEU A 198 17.81 -7.19 -8.35
CA LEU A 198 16.57 -7.69 -7.77
C LEU A 198 15.66 -6.53 -7.36
N VAL A 199 16.21 -5.45 -6.82
CA VAL A 199 15.39 -4.31 -6.42
C VAL A 199 14.76 -3.69 -7.68
N MET A 200 15.55 -3.58 -8.75
CA MET A 200 14.97 -3.02 -9.98
C MET A 200 13.95 -3.96 -10.58
N LYS A 201 14.12 -5.28 -10.47
CA LYS A 201 13.15 -6.25 -10.95
C LYS A 201 11.86 -6.08 -10.13
N ALA A 202 12.01 -5.76 -8.84
CA ALA A 202 10.82 -5.55 -7.99
C ALA A 202 10.07 -4.31 -8.48
N GLY A 203 10.77 -3.26 -8.90
CA GLY A 203 10.14 -2.08 -9.47
C GLY A 203 9.36 -2.43 -10.73
N GLY A 204 9.94 -3.27 -11.60
CA GLY A 204 9.25 -3.74 -12.81
C GLY A 204 8.03 -4.57 -12.43
N MET A 205 8.13 -5.39 -11.37
CA MET A 205 6.99 -6.18 -10.93
C MET A 205 5.94 -5.30 -10.24
N ALA A 206 6.35 -4.17 -9.70
CA ALA A 206 5.40 -3.20 -9.15
C ALA A 206 4.61 -2.60 -10.31
N VAL A 207 5.28 -2.30 -11.44
CA VAL A 207 4.55 -1.82 -12.62
C VAL A 207 3.53 -2.87 -13.07
N THR A 208 3.94 -4.13 -13.20
CA THR A 208 3.04 -5.19 -13.59
C THR A 208 1.84 -5.32 -12.65
N THR A 209 2.14 -5.30 -11.35
CA THR A 209 1.08 -5.50 -10.35
C THR A 209 0.14 -4.32 -10.23
N MET A 210 0.68 -3.11 -10.31
CA MET A 210 -0.14 -1.90 -10.31
C MET A 210 -1.00 -1.88 -11.57
N ALA A 211 -0.44 -2.31 -12.71
CA ALA A 211 -1.30 -2.38 -13.91
C ALA A 211 -2.40 -3.43 -13.73
N LEU A 212 -2.09 -4.57 -13.11
CA LEU A 212 -3.05 -5.64 -12.90
C LEU A 212 -4.17 -5.20 -11.95
N LEU A 213 -3.83 -4.48 -10.88
CA LEU A 213 -4.88 -4.03 -9.95
C LEU A 213 -5.72 -2.94 -10.62
N ASP A 214 -5.09 -2.11 -11.45
CA ASP A 214 -5.84 -1.10 -12.20
C ASP A 214 -6.86 -1.81 -13.08
N GLU A 215 -6.41 -2.85 -13.80
CA GLU A 215 -7.29 -3.65 -14.63
C GLU A 215 -8.41 -4.31 -13.82
N ALA A 216 -8.07 -4.91 -12.69
CA ALA A 216 -9.05 -5.58 -11.85
C ALA A 216 -10.12 -4.61 -11.34
N ASN A 217 -9.68 -3.49 -10.78
CA ASN A 217 -10.64 -2.53 -10.23
C ASN A 217 -11.54 -1.93 -11.30
N THR A 218 -10.96 -1.52 -12.42
CA THR A 218 -11.76 -0.86 -13.45
C THR A 218 -12.63 -1.84 -14.23
N THR A 219 -12.14 -3.06 -14.47
CA THR A 219 -12.97 -4.03 -15.20
C THR A 219 -14.19 -4.39 -14.35
N THR A 220 -13.95 -4.56 -13.05
CA THR A 220 -15.05 -4.98 -12.18
C THR A 220 -16.01 -3.86 -11.82
N TYR A 221 -15.52 -2.67 -11.51
CA TYR A 221 -16.38 -1.60 -11.00
C TYR A 221 -16.49 -0.37 -11.88
N GLY A 222 -15.93 -0.44 -13.08
CA GLY A 222 -15.97 0.66 -14.04
C GLY A 222 -14.78 1.59 -13.90
N ASN A 223 -14.64 2.48 -14.89
CA ASN A 223 -13.56 3.46 -14.80
C ASN A 223 -14.00 4.60 -13.89
N PRO A 224 -13.15 5.01 -12.96
CA PRO A 224 -13.43 6.16 -12.12
C PRO A 224 -13.77 7.34 -13.01
N GLU A 225 -14.66 8.21 -12.52
CA GLU A 225 -15.09 9.40 -13.26
C GLU A 225 -15.25 10.58 -12.29
N ILE A 226 -15.26 11.79 -12.84
CA ILE A 226 -15.42 12.99 -12.02
C ILE A 226 -16.63 12.83 -11.11
N THR A 227 -16.38 13.05 -9.82
CA THR A 227 -17.42 12.91 -8.81
C THR A 227 -17.28 13.95 -7.70
N GLN A 228 -18.41 14.53 -7.29
CA GLN A 228 -18.43 15.45 -6.16
C GLN A 228 -18.83 14.62 -4.95
N VAL A 229 -17.97 14.56 -3.94
CA VAL A 229 -18.20 13.71 -2.77
C VAL A 229 -18.59 14.52 -1.54
N ASN A 230 -19.74 14.17 -0.96
CA ASN A 230 -20.19 14.86 0.25
C ASN A 230 -19.31 14.48 1.44
N ILE A 231 -18.92 15.46 2.25
CA ILE A 231 -18.10 15.19 3.42
C ILE A 231 -18.86 15.52 4.71
N GLY A 232 -20.13 15.88 4.55
CA GLY A 232 -21.02 16.10 5.69
C GLY A 232 -21.69 14.75 5.97
N VAL A 233 -22.71 14.71 6.84
CA VAL A 233 -23.35 13.46 7.19
C VAL A 233 -24.84 13.44 6.91
N GLY A 234 -25.37 12.22 6.94
CA GLY A 234 -26.80 11.97 6.80
C GLY A 234 -27.42 11.83 8.20
N LYS A 235 -28.65 11.34 8.25
CA LYS A 235 -29.39 11.21 9.49
C LYS A 235 -29.69 9.78 9.92
N ASN A 236 -29.16 8.79 9.22
CA ASN A 236 -29.29 7.40 9.61
C ASN A 236 -28.00 6.92 10.28
N PRO A 237 -28.08 5.82 11.01
CA PRO A 237 -26.86 5.16 11.49
C PRO A 237 -26.09 4.76 10.23
N GLY A 238 -24.77 4.64 10.36
CA GLY A 238 -23.99 4.20 9.19
C GLY A 238 -22.92 3.18 9.60
N ILE A 239 -22.27 2.68 8.56
CA ILE A 239 -21.09 1.80 8.68
C ILE A 239 -19.98 2.51 7.90
N LEU A 240 -18.81 2.66 8.54
CA LEU A 240 -17.66 3.31 7.94
C LEU A 240 -16.66 2.28 7.42
N ILE A 241 -16.34 2.31 6.13
CA ILE A 241 -15.40 1.32 5.59
C ILE A 241 -14.09 2.02 5.28
N SER A 242 -12.99 1.43 5.74
CA SER A 242 -11.66 2.06 5.58
C SER A 242 -10.69 1.03 4.98
N GLY A 243 -9.50 1.53 4.64
CA GLY A 243 -8.56 0.63 3.97
C GLY A 243 -8.64 0.79 2.45
N HIS A 244 -8.45 -0.29 1.68
CA HIS A 244 -8.43 -0.21 0.22
C HIS A 244 -9.27 -1.21 -0.55
N ASP A 245 -9.81 -2.27 0.07
CA ASP A 245 -10.45 -3.31 -0.74
C ASP A 245 -11.81 -2.99 -1.35
N LEU A 246 -11.85 -2.94 -2.67
CA LEU A 246 -13.13 -2.57 -3.31
C LEU A 246 -14.12 -3.71 -3.40
N LYS A 247 -13.68 -4.98 -3.34
CA LYS A 247 -14.68 -6.06 -3.34
C LYS A 247 -15.46 -6.06 -2.03
N ASP A 248 -14.79 -5.75 -0.92
CA ASP A 248 -15.47 -5.63 0.37
C ASP A 248 -16.50 -4.51 0.27
N MET A 249 -16.17 -3.39 -0.37
CA MET A 249 -17.10 -2.29 -0.56
C MET A 249 -18.32 -2.75 -1.37
N ALA A 250 -18.08 -3.46 -2.47
CA ALA A 250 -19.19 -3.92 -3.30
C ALA A 250 -20.20 -4.74 -2.49
N GLU A 251 -19.68 -5.67 -1.70
CA GLU A 251 -20.47 -6.53 -0.84
C GLU A 251 -21.15 -5.76 0.28
N LEU A 252 -20.46 -4.82 0.91
CA LEU A 252 -21.08 -4.02 1.97
C LEU A 252 -22.25 -3.22 1.41
N LEU A 253 -22.07 -2.62 0.24
CA LEU A 253 -23.15 -1.82 -0.35
C LEU A 253 -24.36 -2.70 -0.68
N LYS A 254 -24.13 -3.87 -1.27
CA LYS A 254 -25.23 -4.76 -1.62
C LYS A 254 -26.00 -5.21 -0.37
N GLN A 255 -25.26 -5.57 0.69
CA GLN A 255 -25.89 -6.06 1.91
C GLN A 255 -26.57 -4.98 2.71
N THR A 256 -26.15 -3.73 2.60
CA THR A 256 -26.79 -2.65 3.35
C THR A 256 -27.94 -2.03 2.57
N GLU A 257 -28.08 -2.35 1.29
CA GLU A 257 -29.16 -1.72 0.52
C GLU A 257 -30.52 -2.06 1.12
N GLY A 258 -31.36 -1.03 1.31
CA GLY A 258 -32.69 -1.21 1.85
C GLY A 258 -32.80 -1.48 3.33
N THR A 259 -31.71 -1.35 4.09
CA THR A 259 -31.72 -1.68 5.51
C THR A 259 -31.92 -0.49 6.43
N GLY A 260 -31.71 0.72 5.91
CA GLY A 260 -31.79 1.91 6.74
C GLY A 260 -30.45 2.28 7.36
N VAL A 261 -29.42 1.54 6.96
CA VAL A 261 -28.04 1.80 7.39
C VAL A 261 -27.28 2.37 6.19
N ASP A 262 -26.70 3.54 6.38
CA ASP A 262 -25.95 4.23 5.35
C ASP A 262 -24.50 3.73 5.31
N VAL A 263 -23.86 3.94 4.16
CA VAL A 263 -22.45 3.57 4.01
C VAL A 263 -21.61 4.81 3.77
N TYR A 264 -20.50 4.91 4.52
CA TYR A 264 -19.56 6.00 4.38
C TYR A 264 -18.14 5.42 4.17
N THR A 265 -17.35 6.14 3.38
CA THR A 265 -15.95 5.70 3.22
C THR A 265 -15.05 6.51 4.12
N HIS A 266 -13.83 6.01 4.30
CA HIS A 266 -12.81 6.68 5.09
C HIS A 266 -11.41 6.40 4.51
N GLY A 267 -10.52 7.38 4.62
CA GLY A 267 -9.12 7.17 4.24
C GLY A 267 -8.92 6.80 2.79
N GLU A 268 -8.37 5.58 2.59
CA GLU A 268 -8.12 5.11 1.23
C GLU A 268 -9.34 4.52 0.56
N MET A 269 -10.50 4.54 1.23
CA MET A 269 -11.74 4.11 0.60
C MET A 269 -12.46 5.30 -0.06
N LEU A 270 -11.93 6.52 0.06
CA LEU A 270 -12.48 7.69 -0.62
C LEU A 270 -12.70 7.45 -2.10
N PRO A 271 -11.76 6.84 -2.82
CA PRO A 271 -11.90 6.56 -4.24
C PRO A 271 -13.01 5.62 -4.62
N ALA A 272 -13.61 4.87 -3.68
CA ALA A 272 -14.78 4.05 -4.00
C ALA A 272 -15.93 4.97 -4.45
N ASN A 273 -15.94 6.22 -3.99
CA ASN A 273 -16.95 7.19 -4.43
C ASN A 273 -16.85 7.50 -5.92
N TYR A 274 -15.72 7.24 -6.58
CA TYR A 274 -15.54 7.60 -7.96
C TYR A 274 -15.96 6.53 -8.96
N TYR A 275 -16.27 5.33 -8.51
CA TYR A 275 -16.56 4.22 -9.41
C TYR A 275 -18.04 4.12 -9.75
N PRO A 276 -18.34 4.00 -11.03
CA PRO A 276 -19.73 3.92 -11.49
C PRO A 276 -20.55 2.83 -10.82
N ALA A 277 -19.95 1.67 -10.52
CA ALA A 277 -20.68 0.57 -9.88
C ALA A 277 -21.17 0.93 -8.49
N PHE A 278 -20.50 1.86 -7.81
CA PHE A 278 -20.86 2.22 -6.44
C PHE A 278 -21.70 3.48 -6.35
N LYS A 279 -21.64 4.32 -7.38
CA LYS A 279 -22.42 5.57 -7.41
C LYS A 279 -23.90 5.33 -7.59
N LYS A 280 -24.33 4.13 -7.93
CA LYS A 280 -25.71 3.75 -8.12
C LYS A 280 -26.49 3.54 -6.82
N TYR A 281 -25.83 3.55 -5.66
CA TYR A 281 -26.52 3.36 -4.40
C TYR A 281 -26.73 4.67 -3.66
N PRO A 282 -27.98 5.10 -3.49
CA PRO A 282 -28.31 6.33 -2.81
C PRO A 282 -27.94 6.37 -1.34
N HIS A 283 -27.79 5.21 -0.70
CA HIS A 283 -27.43 5.16 0.72
C HIS A 283 -25.92 5.29 0.93
N PHE A 284 -25.15 5.38 -0.13
CA PHE A 284 -23.70 5.63 -0.04
C PHE A 284 -23.58 7.14 0.10
N VAL A 285 -23.41 7.62 1.33
CA VAL A 285 -23.43 9.03 1.61
C VAL A 285 -22.24 9.83 1.13
N GLY A 286 -21.04 9.34 1.42
CA GLY A 286 -19.84 10.11 1.05
C GLY A 286 -18.66 9.66 1.92
N ASN A 287 -17.73 10.58 2.13
CA ASN A 287 -16.50 10.26 2.86
C ASN A 287 -16.43 10.99 4.19
N TYR A 288 -16.06 10.27 5.23
CA TYR A 288 -16.03 10.82 6.57
C TYR A 288 -14.60 11.02 7.09
N GLY A 289 -14.35 12.23 7.59
CA GLY A 289 -13.06 12.48 8.23
C GLY A 289 -11.91 12.76 7.28
N GLY A 290 -10.71 12.49 7.80
CA GLY A 290 -9.48 12.82 7.09
C GLY A 290 -8.56 11.62 6.91
N SER A 291 -7.26 11.90 7.15
CA SER A 291 -6.24 10.87 6.94
C SER A 291 -6.26 9.77 7.97
N TRP A 292 -5.61 8.64 7.70
CA TRP A 292 -5.60 7.48 8.57
C TRP A 292 -5.18 7.78 10.00
N TRP A 293 -4.22 8.70 10.18
CA TRP A 293 -3.68 8.98 11.50
C TRP A 293 -4.59 9.79 12.40
N GLN A 294 -5.68 10.33 11.84
CA GLN A 294 -6.67 11.04 12.67
C GLN A 294 -7.79 10.12 13.08
N GLN A 295 -7.70 8.80 12.88
CA GLN A 295 -8.82 7.91 13.11
C GLN A 295 -9.29 7.71 14.54
N ASN A 296 -8.45 7.91 15.57
CA ASN A 296 -8.96 7.67 16.93
C ASN A 296 -10.18 8.53 17.22
N PRO A 297 -10.11 9.85 17.08
CA PRO A 297 -11.27 10.70 17.35
C PRO A 297 -12.36 10.56 16.30
N GLU A 298 -11.99 10.29 15.05
CA GLU A 298 -12.97 10.18 13.96
C GLU A 298 -13.75 8.89 13.97
N PHE A 299 -13.09 7.75 14.27
CA PHE A 299 -13.83 6.51 14.40
C PHE A 299 -14.76 6.61 15.62
N GLU A 300 -14.34 7.33 16.65
CA GLU A 300 -15.15 7.54 17.84
C GLU A 300 -16.41 8.32 17.48
N SER A 301 -16.25 9.48 16.86
CA SER A 301 -17.38 10.35 16.53
C SER A 301 -18.26 9.79 15.43
N PHE A 302 -17.75 8.82 14.64
CA PHE A 302 -18.60 8.20 13.62
C PHE A 302 -19.81 7.53 14.23
N ASN A 303 -19.72 6.99 15.44
CA ASN A 303 -20.77 6.34 16.19
C ASN A 303 -21.20 4.95 15.73
N GLY A 304 -21.05 4.59 14.47
CA GLY A 304 -21.46 3.29 13.97
C GLY A 304 -20.24 2.38 13.81
N PRO A 305 -20.46 1.17 13.35
CA PRO A 305 -19.41 0.19 13.12
C PRO A 305 -18.38 0.72 12.13
N ILE A 306 -17.11 0.31 12.35
CA ILE A 306 -16.02 0.68 11.46
C ILE A 306 -15.39 -0.63 10.93
N LEU A 307 -15.26 -0.74 9.62
CA LEU A 307 -14.70 -1.93 8.98
C LEU A 307 -13.36 -1.62 8.35
N LEU A 308 -12.30 -2.26 8.84
CA LEU A 308 -10.97 -2.05 8.24
C LEU A 308 -10.67 -3.19 7.28
N THR A 309 -10.61 -2.85 5.98
CA THR A 309 -10.39 -3.86 4.95
C THR A 309 -8.90 -4.16 4.79
N THR A 310 -8.06 -3.21 5.14
CA THR A 310 -6.61 -3.28 5.05
C THR A 310 -6.02 -2.33 6.09
N ASN A 311 -4.71 -2.10 6.04
CA ASN A 311 -4.12 -1.04 6.87
C ASN A 311 -4.61 0.28 6.27
N CYS A 312 -4.57 1.38 6.99
CA CYS A 312 -4.01 1.45 8.31
C CYS A 312 -5.01 1.47 9.47
N LEU A 313 -4.78 0.57 10.41
CA LEU A 313 -5.55 0.50 11.65
C LEU A 313 -4.58 0.90 12.77
N VAL A 314 -4.89 1.94 13.50
CA VAL A 314 -4.03 2.42 14.59
C VAL A 314 -4.56 1.90 15.92
N PRO A 315 -3.69 1.58 16.86
CA PRO A 315 -4.12 1.12 18.17
C PRO A 315 -5.04 2.15 18.81
N LEU A 316 -6.00 1.63 19.58
CA LEU A 316 -6.90 2.54 20.28
C LEU A 316 -6.19 3.25 21.43
N LYS A 317 -6.68 4.45 21.71
CA LYS A 317 -6.22 5.18 22.88
C LYS A 317 -6.94 4.59 24.07
N LYS A 318 -6.41 4.76 25.27
CA LYS A 318 -7.03 4.23 26.49
C LYS A 318 -8.47 4.71 26.64
N GLU A 319 -8.73 5.96 26.26
CA GLU A 319 -10.08 6.51 26.38
C GLU A 319 -11.00 6.19 25.22
N ASN A 320 -10.53 5.56 24.13
CA ASN A 320 -11.42 5.25 23.02
C ASN A 320 -12.43 4.19 23.42
N THR A 321 -13.66 4.32 22.91
CA THR A 321 -14.71 3.40 23.32
C THR A 321 -15.31 2.59 22.18
N TYR A 322 -14.69 2.59 21.00
CA TYR A 322 -15.24 1.91 19.85
C TYR A 322 -14.73 0.50 19.59
N LEU A 323 -13.99 -0.13 20.51
CA LEU A 323 -13.56 -1.51 20.24
C LEU A 323 -14.71 -2.46 19.98
N ASP A 324 -15.85 -2.29 20.68
CA ASP A 324 -16.98 -3.20 20.49
C ASP A 324 -17.68 -3.03 19.15
N ARG A 325 -17.33 -2.01 18.36
CA ARG A 325 -17.92 -1.82 17.05
C ARG A 325 -16.83 -1.70 15.97
N LEU A 326 -15.65 -2.21 16.31
CA LEU A 326 -14.53 -2.23 15.37
C LEU A 326 -14.41 -3.63 14.74
N TYR A 327 -14.44 -3.66 13.41
CA TYR A 327 -14.42 -4.90 12.67
C TYR A 327 -13.19 -4.96 11.74
N THR A 328 -12.53 -6.12 11.77
CA THR A 328 -11.39 -6.30 10.86
C THR A 328 -11.77 -7.31 9.81
N THR A 329 -11.07 -7.30 8.67
CA THR A 329 -11.33 -8.31 7.63
C THR A 329 -10.06 -8.42 6.77
N GLY A 330 -10.01 -9.44 5.94
CA GLY A 330 -8.81 -9.63 5.10
C GLY A 330 -7.62 -9.92 6.00
N VAL A 331 -6.47 -9.30 5.69
CA VAL A 331 -5.27 -9.54 6.49
C VAL A 331 -5.20 -8.72 7.76
N VAL A 332 -6.20 -7.90 8.06
CA VAL A 332 -6.20 -7.08 9.27
C VAL A 332 -6.61 -7.91 10.49
N GLY A 333 -5.99 -7.55 11.61
CA GLY A 333 -6.36 -8.23 12.86
C GLY A 333 -6.08 -7.28 14.02
N TYR A 334 -6.84 -7.40 15.09
CA TYR A 334 -6.68 -6.53 16.26
C TYR A 334 -7.34 -7.25 17.44
N GLU A 335 -6.57 -7.41 18.52
CA GLU A 335 -7.07 -8.13 19.69
C GLU A 335 -8.36 -7.52 20.23
N GLY A 336 -9.41 -8.34 20.33
CA GLY A 336 -10.66 -7.83 20.88
C GLY A 336 -11.62 -7.29 19.84
N ALA A 337 -11.19 -7.17 18.59
CA ALA A 337 -12.03 -6.67 17.52
C ALA A 337 -12.60 -7.86 16.76
N LYS A 338 -13.86 -7.78 16.38
CA LYS A 338 -14.50 -8.84 15.62
C LYS A 338 -13.96 -8.91 14.20
N HIS A 339 -13.62 -10.11 13.78
CA HIS A 339 -13.09 -10.35 12.45
C HIS A 339 -14.10 -11.02 11.52
N ILE A 340 -14.19 -10.47 10.31
CA ILE A 340 -15.08 -11.00 9.28
C ILE A 340 -14.26 -11.96 8.42
N ALA A 341 -14.61 -13.24 8.49
CA ALA A 341 -13.89 -14.27 7.75
C ALA A 341 -13.90 -14.11 6.25
N ASP A 342 -12.91 -14.70 5.59
CA ASP A 342 -12.77 -14.66 4.14
C ASP A 342 -13.99 -15.26 3.45
N ARG A 343 -14.30 -14.71 2.28
CA ARG A 343 -15.44 -15.25 1.53
C ARG A 343 -15.05 -16.60 0.93
N PRO A 344 -16.04 -17.48 0.80
CA PRO A 344 -15.82 -18.75 0.14
C PRO A 344 -15.64 -18.46 -1.35
N ALA A 345 -14.95 -19.33 -2.09
CA ALA A 345 -14.73 -19.09 -3.51
C ALA A 345 -16.08 -18.89 -4.20
N GLY A 346 -16.23 -17.81 -4.95
CA GLY A 346 -17.46 -17.50 -5.65
C GLY A 346 -18.59 -17.00 -4.77
N GLY A 347 -18.31 -16.76 -3.49
CA GLY A 347 -19.33 -16.29 -2.56
C GLY A 347 -19.01 -14.89 -2.07
N ALA A 348 -19.59 -14.54 -0.93
CA ALA A 348 -19.41 -13.21 -0.37
C ALA A 348 -19.17 -13.24 1.13
N LYS A 349 -18.55 -12.16 1.63
CA LYS A 349 -18.34 -12.06 3.06
C LYS A 349 -19.71 -11.80 3.72
N ASP A 350 -19.78 -12.08 5.00
CA ASP A 350 -21.00 -11.89 5.78
C ASP A 350 -20.87 -10.67 6.68
N PHE A 351 -21.54 -9.58 6.30
CA PHE A 351 -21.50 -8.34 7.07
C PHE A 351 -22.78 -8.13 7.87
N SER A 352 -23.60 -9.16 8.02
CA SER A 352 -24.85 -9.04 8.77
C SER A 352 -24.70 -8.54 10.19
N ALA A 353 -23.65 -8.92 10.91
CA ALA A 353 -23.48 -8.44 12.28
C ALA A 353 -23.21 -6.94 12.33
N LEU A 354 -22.50 -6.39 11.33
CA LEU A 354 -22.26 -4.94 11.31
C LEU A 354 -23.58 -4.19 11.10
N ILE A 355 -24.42 -4.72 10.22
CA ILE A 355 -25.71 -4.10 9.95
C ILE A 355 -26.60 -4.16 11.19
N ALA A 356 -26.67 -5.32 11.84
CA ALA A 356 -27.48 -5.43 13.05
C ALA A 356 -27.00 -4.48 14.12
N GLN A 357 -25.68 -4.35 14.31
CA GLN A 357 -25.17 -3.43 15.32
C GLN A 357 -25.38 -1.98 14.94
N ALA A 358 -25.22 -1.65 13.65
CA ALA A 358 -25.40 -0.28 13.18
C ALA A 358 -26.80 0.25 13.47
N LYS A 359 -27.80 -0.63 13.40
CA LYS A 359 -29.17 -0.21 13.70
C LYS A 359 -29.35 0.24 15.14
N LYS A 360 -28.47 -0.16 16.04
CA LYS A 360 -28.49 0.22 17.44
C LYS A 360 -27.66 1.45 17.75
N CYS A 361 -26.96 2.01 16.76
CA CYS A 361 -26.10 3.15 16.97
C CYS A 361 -26.73 4.44 16.50
N PRO A 362 -26.31 5.56 17.09
CA PRO A 362 -26.75 6.87 16.65
C PRO A 362 -26.03 7.22 15.36
N PRO A 363 -26.53 8.20 14.62
CA PRO A 363 -25.92 8.66 13.39
C PRO A 363 -24.57 9.31 13.69
N PRO A 364 -23.71 9.42 12.67
CA PRO A 364 -22.40 10.02 12.84
C PRO A 364 -22.46 11.49 13.20
N VAL A 365 -21.52 11.94 14.02
CA VAL A 365 -21.38 13.34 14.39
C VAL A 365 -20.78 14.09 13.20
N GLU A 366 -21.41 15.20 12.80
CA GLU A 366 -20.88 15.97 11.67
C GLU A 366 -19.60 16.67 12.08
N ILE A 367 -18.49 16.34 11.41
CA ILE A 367 -17.23 17.01 11.78
C ILE A 367 -16.85 18.06 10.77
N GLU A 368 -17.48 18.06 9.61
CA GLU A 368 -17.29 19.10 8.61
C GLU A 368 -18.39 19.03 7.57
N THR A 369 -18.49 20.03 6.71
CA THR A 369 -19.49 20.04 5.65
C THR A 369 -18.80 20.44 4.34
N GLY A 370 -19.47 20.18 3.23
CA GLY A 370 -18.89 20.55 1.94
C GLY A 370 -18.70 19.32 1.05
N SER A 371 -17.73 19.45 0.15
CA SER A 371 -17.47 18.33 -0.77
C SER A 371 -16.00 18.28 -1.17
N ILE A 372 -15.63 17.17 -1.78
CA ILE A 372 -14.30 16.89 -2.31
C ILE A 372 -14.54 16.43 -3.76
N VAL A 373 -13.75 16.89 -4.71
CA VAL A 373 -13.96 16.44 -6.09
C VAL A 373 -12.81 15.50 -6.45
N GLY A 374 -13.12 14.41 -7.14
CA GLY A 374 -12.06 13.48 -7.54
C GLY A 374 -12.54 12.59 -8.66
N GLY A 375 -11.75 11.57 -8.98
CA GLY A 375 -12.12 10.61 -10.03
C GLY A 375 -11.33 10.80 -11.31
N PHE A 376 -10.19 11.46 -11.22
CA PHE A 376 -9.33 11.71 -12.37
C PHE A 376 -8.30 10.60 -12.59
N ALA A 377 -8.80 9.38 -12.78
CA ALA A 377 -7.94 8.25 -13.09
C ALA A 377 -7.63 8.28 -14.59
N HIS A 378 -6.87 7.31 -15.09
CA HIS A 378 -6.40 7.43 -16.47
C HIS A 378 -7.47 7.54 -17.52
N HIS A 379 -8.54 6.76 -17.48
CA HIS A 379 -9.57 6.87 -18.53
C HIS A 379 -10.17 8.27 -18.53
N GLN A 380 -10.52 8.76 -17.34
CA GLN A 380 -11.17 10.06 -17.23
C GLN A 380 -10.28 11.18 -17.73
N VAL A 381 -8.98 11.16 -17.37
CA VAL A 381 -8.05 12.19 -17.82
C VAL A 381 -7.80 12.07 -19.32
N LEU A 382 -7.70 10.84 -19.84
CA LEU A 382 -7.47 10.68 -21.28
C LEU A 382 -8.71 11.08 -22.07
N ALA A 383 -9.90 11.01 -21.46
CA ALA A 383 -11.11 11.49 -22.10
C ALA A 383 -11.11 13.01 -22.22
N LEU A 384 -10.34 13.70 -21.39
CA LEU A 384 -10.19 15.14 -21.40
C LEU A 384 -8.85 15.55 -21.97
N ALA A 385 -8.18 14.66 -22.70
CA ALA A 385 -6.85 14.98 -23.25
C ALA A 385 -6.81 16.25 -24.08
N ASP A 386 -7.72 16.41 -25.03
CA ASP A 386 -7.73 17.63 -25.84
C ASP A 386 -7.77 18.87 -24.95
N LYS A 387 -8.66 18.88 -23.96
CA LYS A 387 -8.76 20.02 -23.06
C LYS A 387 -7.49 20.24 -22.25
N VAL A 388 -6.88 19.19 -21.71
CA VAL A 388 -5.66 19.35 -20.93
C VAL A 388 -4.51 19.83 -21.81
N VAL A 389 -4.35 19.21 -22.98
CA VAL A 389 -3.27 19.60 -23.89
C VAL A 389 -3.41 21.05 -24.35
N GLU A 390 -4.64 21.51 -24.63
CA GLU A 390 -4.81 22.91 -25.05
C GLU A 390 -4.47 23.86 -23.90
N ALA A 391 -4.80 23.49 -22.65
CA ALA A 391 -4.48 24.31 -21.50
C ALA A 391 -2.96 24.41 -21.30
N VAL A 392 -2.24 23.34 -21.60
CA VAL A 392 -0.78 23.36 -21.49
C VAL A 392 -0.22 24.26 -22.59
N LYS A 393 -0.73 24.09 -23.81
CA LYS A 393 -0.26 24.87 -24.95
C LYS A 393 -0.49 26.37 -24.79
N SER A 394 -1.63 26.76 -24.23
CA SER A 394 -1.94 28.18 -24.03
C SER A 394 -1.17 28.81 -22.88
N GLY A 395 -0.67 28.00 -21.94
CA GLY A 395 0.07 28.52 -20.80
C GLY A 395 -0.83 28.60 -19.57
N ALA A 396 -2.10 28.21 -19.72
CA ALA A 396 -3.02 28.22 -18.58
C ALA A 396 -2.52 27.25 -17.51
N ILE A 397 -1.97 26.11 -17.94
CA ILE A 397 -1.35 25.16 -17.04
C ILE A 397 0.16 25.17 -17.35
N LYS A 398 0.95 25.78 -16.48
CA LYS A 398 2.39 25.89 -16.67
C LYS A 398 3.10 24.60 -16.27
N ARG A 399 2.61 23.93 -15.23
CA ARG A 399 3.29 22.72 -14.76
C ARG A 399 2.37 21.86 -13.92
N PHE A 400 2.65 20.55 -13.92
CA PHE A 400 1.92 19.62 -13.07
C PHE A 400 2.85 19.21 -11.93
N VAL A 401 2.33 19.12 -10.72
CA VAL A 401 3.16 18.69 -9.60
C VAL A 401 2.54 17.41 -9.04
N VAL A 402 3.24 16.28 -9.20
CA VAL A 402 2.76 15.01 -8.68
C VAL A 402 3.04 14.98 -7.17
N MET A 403 1.99 14.98 -6.35
CA MET A 403 2.14 14.99 -4.90
C MET A 403 1.51 13.76 -4.27
N ALA A 404 1.42 12.70 -5.07
CA ALA A 404 0.87 11.42 -4.64
C ALA A 404 1.73 10.78 -3.56
N GLY A 405 1.16 9.75 -2.93
CA GLY A 405 1.91 9.01 -1.92
C GLY A 405 1.05 8.73 -0.70
N CSS A 406 1.72 8.55 0.43
CA CSS A 406 1.06 8.20 1.68
CB CSS A 406 1.43 6.74 2.12
SG CSS A 406 0.99 5.52 0.85
SD CSS A 406 1.47 3.86 1.66
C CSS A 406 1.40 9.20 2.76
O CSS A 406 2.56 9.61 2.89
N ASP A 407 0.39 9.65 3.49
CA ASP A 407 0.50 10.61 4.58
C ASP A 407 0.94 9.94 5.87
N GLY A 408 1.23 10.76 6.88
CA GLY A 408 1.64 10.32 8.21
C GLY A 408 1.38 11.42 9.25
N ARG A 409 1.71 11.16 10.50
CA ARG A 409 1.41 12.14 11.56
C ARG A 409 2.47 13.15 11.90
N GLN A 410 3.71 13.03 11.43
CA GLN A 410 4.73 14.00 11.81
C GLN A 410 4.41 15.41 11.37
N LYS A 411 4.75 16.37 12.23
CA LYS A 411 4.49 17.78 12.00
C LYS A 411 5.15 18.35 10.77
N SER A 412 6.29 17.80 10.35
CA SER A 412 7.03 18.21 9.18
C SER A 412 6.23 18.05 7.88
N ARG A 413 5.16 17.26 7.91
CA ARG A 413 4.30 17.10 6.75
C ARG A 413 3.43 18.30 6.44
N SER A 414 3.49 19.36 7.25
CA SER A 414 2.81 20.61 6.90
C SER A 414 3.44 21.16 5.64
N TYR A 415 4.68 20.77 5.33
CA TYR A 415 5.38 21.10 4.10
C TYR A 415 4.51 20.83 2.89
N TYR A 416 3.82 19.67 2.84
CA TYR A 416 3.00 19.39 1.67
C TYR A 416 1.79 20.30 1.55
N THR A 417 1.18 20.67 2.68
CA THR A 417 0.06 21.61 2.67
C THR A 417 0.55 22.98 2.20
N GLU A 418 1.71 23.38 2.72
CA GLU A 418 2.30 24.68 2.36
C GLU A 418 2.77 24.73 0.91
N VAL A 419 3.25 23.62 0.36
CA VAL A 419 3.60 23.60 -1.05
C VAL A 419 2.32 23.78 -1.86
N ALA A 420 1.26 23.05 -1.51
CA ALA A 420 0.01 23.16 -2.25
C ALA A 420 -0.55 24.58 -2.23
N GLU A 421 -0.54 25.21 -1.07
CA GLU A 421 -1.06 26.57 -0.92
C GLU A 421 -0.22 27.63 -1.61
N ASN A 422 1.08 27.41 -1.76
CA ASN A 422 1.98 28.41 -2.32
C ASN A 422 2.39 28.21 -3.76
N LEU A 423 2.00 27.08 -4.38
CA LEU A 423 2.36 26.89 -5.78
C LEU A 423 1.63 27.97 -6.59
N PRO A 424 2.22 28.39 -7.69
CA PRO A 424 1.60 29.38 -8.57
C PRO A 424 0.21 28.91 -8.96
N LYS A 425 -0.69 29.84 -9.24
CA LYS A 425 -2.06 29.51 -9.61
C LYS A 425 -2.25 28.90 -10.97
N ASP A 426 -1.20 28.76 -11.76
CA ASP A 426 -1.28 28.14 -13.07
C ASP A 426 -0.64 26.74 -13.03
N THR A 427 -0.62 26.15 -11.84
CA THR A 427 -0.09 24.78 -11.70
C THR A 427 -1.24 23.87 -11.28
N VAL A 428 -1.13 22.59 -11.63
CA VAL A 428 -2.13 21.59 -11.27
C VAL A 428 -1.43 20.48 -10.47
N ILE A 429 -2.03 20.15 -9.35
CA ILE A 429 -1.51 19.06 -8.51
C ILE A 429 -2.18 17.75 -8.92
N LEU A 430 -1.35 16.73 -9.14
CA LEU A 430 -1.83 15.39 -9.46
C LEU A 430 -1.63 14.54 -8.20
N THR A 431 -2.66 13.86 -7.73
CA THR A 431 -2.49 13.05 -6.52
C THR A 431 -3.19 11.71 -6.60
N ALA A 432 -2.84 10.87 -5.63
CA ALA A 432 -3.34 9.53 -5.43
C ALA A 432 -2.78 9.05 -4.09
N GLY A 433 -3.54 8.28 -3.32
CA GLY A 433 -3.01 7.83 -2.03
C GLY A 433 -3.38 8.86 -0.96
N CYS A 434 -3.25 8.46 0.31
CA CYS A 434 -3.65 9.31 1.43
C CYS A 434 -2.80 10.55 1.62
N ALA A 435 -1.70 10.73 0.87
CA ALA A 435 -0.97 11.99 0.88
C ALA A 435 -1.88 13.14 0.46
N LYS A 436 -2.93 12.86 -0.32
CA LYS A 436 -3.92 13.84 -0.72
C LYS A 436 -4.58 14.56 0.45
N TYR A 437 -4.67 13.97 1.65
CA TYR A 437 -5.37 14.67 2.74
C TYR A 437 -4.65 15.89 3.25
N ARG A 438 -3.40 16.13 2.85
CA ARG A 438 -2.72 17.35 3.24
C ARG A 438 -3.20 18.53 2.40
N TYR A 439 -3.90 18.32 1.28
CA TYR A 439 -4.31 19.47 0.46
C TYR A 439 -5.60 19.26 -0.31
N ASN A 440 -6.43 18.27 0.02
CA ASN A 440 -7.66 18.07 -0.74
C ASN A 440 -8.89 18.75 -0.14
N LYS A 441 -8.71 19.55 0.91
CA LYS A 441 -9.86 20.28 1.48
C LYS A 441 -9.57 21.78 1.49
N LEU A 442 -8.81 22.21 0.49
CA LEU A 442 -8.48 23.63 0.32
C LEU A 442 -9.39 24.22 -0.75
N ASN A 443 -9.21 25.51 -1.01
CA ASN A 443 -10.05 26.17 -2.03
C ASN A 443 -9.10 26.66 -3.13
N LEU A 444 -8.48 25.70 -3.82
CA LEU A 444 -7.53 26.05 -4.88
C LEU A 444 -8.22 26.35 -6.19
N GLY A 445 -9.48 25.99 -6.32
CA GLY A 445 -10.26 26.27 -7.52
C GLY A 445 -9.88 25.46 -8.74
N ASP A 446 -10.10 26.05 -9.92
CA ASP A 446 -9.82 25.39 -11.18
C ASP A 446 -9.19 26.33 -12.19
N ILE A 447 -8.68 25.71 -13.27
CA ILE A 447 -8.09 26.44 -14.38
C ILE A 447 -8.93 26.06 -15.60
N GLY A 448 -9.81 26.98 -16.02
CA GLY A 448 -10.68 26.73 -17.16
C GLY A 448 -11.49 25.46 -17.06
N GLY A 449 -11.99 25.11 -15.88
CA GLY A 449 -12.79 23.91 -15.70
C GLY A 449 -12.00 22.70 -15.22
N ILE A 450 -10.68 22.79 -15.21
CA ILE A 450 -9.84 21.68 -14.74
C ILE A 450 -9.41 21.99 -13.30
N PRO A 451 -9.88 21.20 -12.34
CA PRO A 451 -9.54 21.44 -10.95
C PRO A 451 -8.04 21.50 -10.73
N ARG A 452 -7.59 22.34 -9.80
CA ARG A 452 -6.17 22.47 -9.50
C ARG A 452 -5.63 21.30 -8.70
N VAL A 453 -6.50 20.43 -8.17
CA VAL A 453 -6.12 19.20 -7.52
C VAL A 453 -6.87 18.08 -8.26
N LEU A 454 -6.16 17.16 -8.90
CA LEU A 454 -6.74 16.06 -9.63
C LEU A 454 -6.42 14.74 -8.92
N ASP A 455 -7.43 14.21 -8.26
CA ASP A 455 -7.30 12.97 -7.49
C ASP A 455 -7.64 11.75 -8.34
N ALA A 456 -6.59 10.97 -8.65
CA ALA A 456 -6.75 9.75 -9.42
C ALA A 456 -7.19 8.55 -8.59
N GLY A 457 -7.07 8.63 -7.25
CA GLY A 457 -7.53 7.52 -6.45
C GLY A 457 -6.62 7.11 -5.29
N GLN A 458 -6.56 5.80 -5.15
CA GLN A 458 -5.80 5.20 -4.04
C GLN A 458 -4.32 5.26 -4.36
N CYS A 459 -3.44 4.89 -3.42
CA CYS A 459 -2.01 4.93 -3.75
C CYS A 459 -1.70 4.09 -4.97
N ASN A 460 -2.38 2.97 -5.16
CA ASN A 460 -2.20 2.12 -6.34
C ASN A 460 -2.57 2.87 -7.61
N ASP A 461 -3.43 3.90 -7.51
CA ASP A 461 -3.83 4.70 -8.65
C ASP A 461 -2.78 5.72 -9.05
N SER A 462 -1.59 5.66 -8.43
CA SER A 462 -0.41 6.34 -8.92
C SER A 462 -0.12 5.72 -10.30
N TYR A 463 -0.56 4.49 -10.55
CA TYR A 463 -0.50 3.84 -11.84
C TYR A 463 -1.11 4.76 -12.90
N SER A 464 -2.29 5.32 -12.64
CA SER A 464 -2.93 6.24 -13.57
C SER A 464 -2.06 7.46 -13.86
N LEU A 465 -1.38 7.99 -12.85
CA LEU A 465 -0.51 9.14 -13.06
C LEU A 465 0.61 8.78 -14.03
N ALA A 466 1.19 7.60 -13.91
CA ALA A 466 2.21 7.15 -14.86
C ALA A 466 1.65 6.99 -16.25
N VAL A 467 0.46 6.41 -16.39
CA VAL A 467 -0.20 6.28 -17.70
C VAL A 467 -0.41 7.65 -18.34
N ILE A 468 -0.84 8.63 -17.58
CA ILE A 468 -1.06 9.99 -18.06
C ILE A 468 0.25 10.61 -18.53
N ALA A 469 1.31 10.44 -17.74
CA ALA A 469 2.61 10.98 -18.11
C ALA A 469 3.09 10.33 -19.41
N LEU A 470 2.92 9.00 -19.52
CA LEU A 470 3.36 8.34 -20.75
C LEU A 470 2.57 8.84 -21.96
N LYS A 471 1.27 9.11 -21.80
CA LYS A 471 0.44 9.64 -22.88
C LYS A 471 0.90 11.04 -23.28
N LEU A 472 1.16 11.91 -22.32
CA LEU A 472 1.62 13.26 -22.61
C LEU A 472 2.99 13.26 -23.28
N LYS A 473 3.87 12.33 -22.88
CA LYS A 473 5.16 12.20 -23.55
C LYS A 473 4.99 11.94 -25.04
N GLU A 474 4.07 11.04 -25.39
CA GLU A 474 3.80 10.74 -26.80
C GLU A 474 3.16 11.91 -27.52
N VAL A 475 2.16 12.55 -26.90
CA VAL A 475 1.49 13.69 -27.51
C VAL A 475 2.46 14.81 -27.83
N PHE A 476 3.37 15.12 -26.91
CA PHE A 476 4.33 16.21 -27.11
C PHE A 476 5.57 15.79 -27.86
N GLY A 477 5.66 14.55 -28.31
CA GLY A 477 6.79 14.05 -29.10
C GLY A 477 8.11 14.14 -28.37
N LEU A 478 8.11 13.89 -27.07
CA LEU A 478 9.36 13.98 -26.30
C LEU A 478 10.06 12.63 -26.23
N ASP A 479 11.40 12.68 -26.30
CA ASP A 479 12.18 11.45 -26.22
C ASP A 479 12.31 10.92 -24.80
N ASP A 480 12.27 11.80 -23.82
CA ASP A 480 12.46 11.47 -22.42
C ASP A 480 11.26 11.94 -21.60
N ILE A 481 10.66 11.02 -20.86
CA ILE A 481 9.52 11.32 -20.00
C ILE A 481 9.82 12.44 -19.01
N ASN A 482 11.08 12.59 -18.58
CA ASN A 482 11.45 13.63 -17.64
C ASN A 482 11.38 15.04 -18.19
N ASP A 483 11.29 15.20 -19.51
CA ASP A 483 11.23 16.53 -20.10
C ASP A 483 9.83 17.12 -20.17
N LEU A 484 8.81 16.38 -19.72
CA LEU A 484 7.47 16.94 -19.61
C LEU A 484 7.51 18.02 -18.53
N PRO A 485 6.58 18.95 -18.52
CA PRO A 485 6.48 19.99 -17.50
C PRO A 485 5.79 19.42 -16.27
N VAL A 486 6.43 18.44 -15.64
CA VAL A 486 5.91 17.71 -14.50
C VAL A 486 7.00 17.57 -13.44
N SER A 487 6.69 17.92 -12.20
CA SER A 487 7.62 17.74 -11.08
C SER A 487 7.02 16.70 -10.14
N TYR A 488 7.90 16.00 -9.41
CA TYR A 488 7.50 14.95 -8.50
C TYR A 488 7.90 15.28 -7.05
N ASP A 489 6.92 15.46 -6.19
CA ASP A 489 7.19 15.78 -4.78
C ASP A 489 6.28 14.86 -3.96
N ILE A 490 6.78 13.63 -3.83
CA ILE A 490 6.04 12.51 -3.25
C ILE A 490 6.29 12.28 -1.78
N ALA A 491 5.19 12.05 -1.06
CA ALA A 491 5.26 11.76 0.38
C ALA A 491 5.13 10.24 0.53
N TRP A 492 5.90 9.67 1.44
CA TRP A 492 5.79 8.22 1.66
C TRP A 492 5.57 7.93 3.13
N TYR A 493 5.00 6.77 3.43
CA TYR A 493 4.81 6.32 4.80
C TYR A 493 5.14 4.85 4.93
N GLU A 494 4.41 3.98 4.23
CA GLU A 494 4.72 2.56 4.39
C GLU A 494 5.17 1.89 3.10
N GLN A 495 5.02 0.57 3.05
CA GLN A 495 5.62 -0.26 2.00
C GLN A 495 4.95 -0.18 0.66
N LYS A 496 3.64 0.08 0.58
CA LYS A 496 3.00 0.30 -0.71
C LYS A 496 3.60 1.54 -1.36
N ALA A 497 3.85 2.62 -0.61
CA ALA A 497 4.46 3.82 -1.18
C ALA A 497 5.85 3.50 -1.73
N VAL A 498 6.58 2.61 -1.05
CA VAL A 498 7.91 2.22 -1.54
C VAL A 498 7.77 1.46 -2.85
N ALA A 499 6.76 0.57 -2.97
CA ALA A 499 6.56 -0.13 -4.23
C ALA A 499 6.24 0.87 -5.33
N VAL A 500 5.42 1.89 -5.07
CA VAL A 500 5.12 2.92 -6.06
C VAL A 500 6.40 3.65 -6.48
N LEU A 501 7.24 4.01 -5.51
CA LEU A 501 8.53 4.64 -5.84
C LEU A 501 9.37 3.76 -6.76
N LEU A 502 9.50 2.47 -6.44
CA LEU A 502 10.31 1.58 -7.27
C LEU A 502 9.73 1.49 -8.67
N ALA A 503 8.40 1.51 -8.80
CA ALA A 503 7.79 1.49 -10.11
C ALA A 503 8.17 2.75 -10.89
N LEU A 504 8.10 3.92 -10.24
CA LEU A 504 8.49 5.15 -10.92
C LEU A 504 9.97 5.13 -11.30
N LEU A 505 10.85 4.53 -10.49
CA LEU A 505 12.26 4.44 -10.86
C LEU A 505 12.45 3.49 -12.04
N PHE A 506 11.74 2.37 -12.04
CA PHE A 506 11.79 1.45 -13.19
C PHE A 506 11.30 2.13 -14.46
N LEU A 507 10.31 3.02 -14.37
CA LEU A 507 9.79 3.77 -15.51
C LEU A 507 10.70 4.91 -15.94
N GLY A 508 11.83 5.10 -15.29
CA GLY A 508 12.79 6.11 -15.71
C GLY A 508 12.59 7.51 -15.16
N VAL A 509 11.77 7.65 -14.12
CA VAL A 509 11.56 8.99 -13.56
C VAL A 509 12.74 9.38 -12.69
N LYS A 510 13.37 10.52 -13.02
CA LYS A 510 14.52 11.01 -12.27
C LYS A 510 14.21 12.32 -11.55
N GLY A 511 14.94 12.62 -10.48
CA GLY A 511 14.76 13.88 -9.77
C GLY A 511 13.60 13.93 -8.81
N ILE A 512 13.05 12.78 -8.44
CA ILE A 512 11.94 12.77 -7.49
C ILE A 512 12.36 13.30 -6.12
N ARG A 513 11.53 14.16 -5.54
CA ARG A 513 11.71 14.61 -4.16
C ARG A 513 10.88 13.64 -3.31
N LEU A 514 11.52 13.02 -2.32
CA LEU A 514 10.87 12.03 -1.46
C LEU A 514 10.94 12.52 -0.02
N GLY A 515 9.82 12.55 0.68
CA GLY A 515 9.78 13.07 2.04
C GLY A 515 8.65 12.51 2.87
N PRO A 516 8.50 13.04 4.09
CA PRO A 516 9.26 14.18 4.57
C PRO A 516 10.67 13.90 5.06
N THR A 517 11.02 12.64 5.13
CA THR A 517 12.37 12.18 5.43
C THR A 517 12.68 11.07 4.43
N LEU A 518 13.95 10.66 4.37
CA LEU A 518 14.38 9.56 3.51
C LEU A 518 14.42 8.29 4.34
N PRO A 519 14.16 7.13 3.73
CA PRO A 519 14.13 5.88 4.46
C PRO A 519 15.36 5.55 5.29
N ALA A 520 15.11 4.95 6.45
CA ALA A 520 16.17 4.49 7.34
C ALA A 520 16.84 3.23 6.82
N PHE A 521 16.17 2.52 5.92
CA PHE A 521 16.65 1.28 5.32
C PHE A 521 17.57 1.50 4.12
N LEU A 522 17.99 2.73 3.86
CA LEU A 522 18.96 3.04 2.82
C LEU A 522 20.29 3.33 3.54
N SER A 523 21.26 2.42 3.41
CA SER A 523 22.57 2.70 4.06
C SER A 523 23.23 3.81 3.26
N PRO A 524 24.28 4.41 3.82
CA PRO A 524 24.97 5.48 3.13
C PRO A 524 25.38 5.10 1.72
N ASN A 525 25.94 3.91 1.51
CA ASN A 525 26.39 3.49 0.21
C ASN A 525 25.23 3.26 -0.75
N VAL A 526 24.14 2.68 -0.24
CA VAL A 526 22.96 2.43 -1.08
C VAL A 526 22.28 3.73 -1.45
N ALA A 527 22.20 4.67 -0.50
CA ALA A 527 21.61 5.97 -0.76
C ALA A 527 22.39 6.70 -1.84
N LYS A 528 23.72 6.63 -1.78
CA LYS A 528 24.57 7.29 -2.78
C LYS A 528 24.30 6.77 -4.19
N VAL A 529 24.16 5.47 -4.40
CA VAL A 529 23.86 4.96 -5.74
C VAL A 529 22.47 5.40 -6.21
N LEU A 530 21.49 5.38 -5.31
CA LEU A 530 20.15 5.87 -5.70
C LEU A 530 20.22 7.31 -6.15
N VAL A 531 20.99 8.14 -5.48
CA VAL A 531 21.20 9.54 -5.86
C VAL A 531 21.93 9.60 -7.20
N GLU A 532 22.99 8.82 -7.33
CA GLU A 532 23.80 8.78 -8.54
C GLU A 532 23.01 8.33 -9.76
N ASN A 533 22.24 7.26 -9.63
CA ASN A 533 21.49 6.71 -10.75
C ASN A 533 20.15 7.39 -11.00
N PHE A 534 19.46 7.84 -9.95
CA PHE A 534 18.10 8.34 -10.14
C PHE A 534 17.86 9.78 -9.71
N ASN A 535 18.85 10.43 -9.13
CA ASN A 535 18.75 11.79 -8.66
C ASN A 535 17.61 11.99 -7.67
N ILE A 536 17.44 11.03 -6.76
CA ILE A 536 16.42 11.16 -5.70
C ILE A 536 16.89 12.26 -4.75
N LYS A 537 15.98 13.11 -4.32
CA LYS A 537 16.31 14.23 -3.45
C LYS A 537 15.40 14.28 -2.22
N PRO A 538 15.92 14.79 -1.13
CA PRO A 538 15.11 15.03 0.06
C PRO A 538 14.34 16.33 -0.15
N ILE A 539 13.33 16.60 0.67
CA ILE A 539 12.65 17.89 0.58
C ILE A 539 13.53 18.98 1.20
N GLY A 540 13.32 20.19 0.74
CA GLY A 540 14.02 21.36 1.29
C GLY A 540 12.93 22.29 1.87
N THR A 541 13.17 23.60 1.82
CA THR A 541 12.16 24.53 2.30
C THR A 541 11.05 24.60 1.26
N VAL A 542 9.88 25.07 1.66
CA VAL A 542 8.75 25.21 0.73
C VAL A 542 9.13 26.17 -0.40
N GLN A 543 9.69 27.32 -0.04
CA GLN A 543 10.11 28.33 -1.00
C GLN A 543 11.15 27.79 -1.96
N ASP A 544 12.20 27.14 -1.47
CA ASP A 544 13.27 26.62 -2.30
C ASP A 544 12.78 25.53 -3.26
N ASP A 545 11.98 24.61 -2.74
CA ASP A 545 11.46 23.52 -3.56
C ASP A 545 10.50 24.00 -4.64
N ILE A 546 9.61 24.94 -4.32
CA ILE A 546 8.70 25.49 -5.33
C ILE A 546 9.52 26.16 -6.43
N ALA A 547 10.47 27.02 -6.06
CA ALA A 547 11.29 27.68 -7.06
C ALA A 547 12.02 26.69 -7.96
N ALA A 548 12.60 25.63 -7.36
CA ALA A 548 13.33 24.64 -8.14
C ALA A 548 12.39 23.87 -9.05
N MET A 549 11.25 23.42 -8.53
CA MET A 549 10.32 22.66 -9.36
C MET A 549 9.80 23.49 -10.53
N MET A 550 9.53 24.77 -10.31
CA MET A 550 9.06 25.63 -11.40
C MET A 550 10.14 25.82 -12.46
N ALA A 551 11.41 25.62 -12.11
CA ALA A 551 12.52 25.68 -13.05
C ALA A 551 12.83 24.32 -13.65
N GLY A 552 12.02 23.31 -13.32
CA GLY A 552 12.17 21.96 -13.82
C GLY A 552 13.31 21.20 -13.14
N LYS A 553 13.69 21.61 -11.94
CA LYS A 553 14.79 20.98 -11.21
C LYS A 553 14.40 20.68 -9.78
FE1 SF4 B . 8.23 -0.54 12.12
FE2 SF4 B . 6.12 0.63 13.41
FE3 SF4 B . 7.31 1.89 11.39
FE4 SF4 B . 8.63 1.54 13.73
S1 SF4 B . 6.80 2.83 13.42
S2 SF4 B . 9.46 1.28 11.57
S3 SF4 B . 7.83 -0.49 14.36
S4 SF4 B . 6.23 -0.15 11.23
FE5 FSO C . -2.45 5.48 3.31
FE6 FSO C . -2.31 3.60 5.22
FE7 FSO C . -2.81 3.48 0.26
FE8 FSO C . -0.64 2.97 2.73
S5 FSO C . -4.13 4.66 4.59
S6 FSO C . -0.58 4.80 4.41
O8 FSO C . -2.22 2.05 3.95
O9 FSO C . -1.47 2.08 1.13
O10 FSO C . -2.35 5.21 1.25
O10 FSO C . -2.37 4.43 1.86
#